data_9HWQ
#
_entry.id   9HWQ
#
_cell.length_a   103.146
_cell.length_b   103.146
_cell.length_c   55.225
_cell.angle_alpha   90.000
_cell.angle_beta   90.000
_cell.angle_gamma   120.000
#
_symmetry.space_group_name_H-M   'P 61'
#
loop_
_entity.id
_entity.type
_entity.pdbx_description
1 polymer 'Kelch-like ECH-associated protein 1'
2 non-polymer ~{N}-cyclohexyl-2-phenoxy-ethanamide
3 non-polymer 'SULFATE ION'
4 non-polymer 'DIMETHYL SULFOXIDE'
5 water water
#
_entity_poly.entity_id   1
_entity_poly.type   'polypeptide(L)'
_entity_poly.pdbx_seq_one_letter_code
;GPKVGRLIYTAGGYFRQSLSYLEAYNPSNGSWLRLADLQVPRSGLAGCVVGGLLYAVGGRNNSPDGNTDSSALDCYNPMT
NQWSPCASMSVPRNRIGVGVIDGHIYAVGGSHGCIHHSSVERYEPERDEWHLVAPMLTRRIGVGVAVLNRLLYAVGGFDG
TNRLNSAECYYPERNEWRMITPMNTIRSGAGVCVLHNCIYAAGGYDGQDQLNSVERYDVETETWTFVAPMRHHRSALGIT
VHQGKIYVLGGYDGHTFLDSVECYDPDSDTWSEVTRMTSGRSGVGVAVTMEPCRKQIDQQNCTC
;
_entity_poly.pdbx_strand_id   A
#
loop_
_chem_comp.id
_chem_comp.type
_chem_comp.name
_chem_comp.formula
B0A non-polymer ~{N}-cyclohexyl-2-phenoxy-ethanamide 'C14 H19 N O2'
DMS non-polymer 'DIMETHYL SULFOXIDE' 'C2 H6 O S'
SO4 non-polymer 'SULFATE ION' 'O4 S -2'
#
# COMPACT_ATOMS: atom_id res chain seq x y z
N VAL A 4 -9.44 5.14 20.76
CA VAL A 4 -10.77 4.78 20.28
C VAL A 4 -11.14 5.59 19.05
N GLY A 5 -12.01 5.03 18.21
CA GLY A 5 -12.63 5.77 17.15
C GLY A 5 -11.94 5.71 15.81
N ARG A 6 -11.00 4.80 15.60
CA ARG A 6 -10.24 4.75 14.35
C ARG A 6 -10.85 3.73 13.39
N LEU A 7 -10.83 4.07 12.11
CA LEU A 7 -11.39 3.25 11.06
C LEU A 7 -10.31 2.90 10.05
N ILE A 8 -10.54 1.80 9.34
CA ILE A 8 -9.72 1.38 8.22
C ILE A 8 -10.39 1.93 6.96
N TYR A 9 -9.71 2.87 6.29
CA TYR A 9 -10.22 3.52 5.09
C TYR A 9 -9.64 2.83 3.87
N THR A 10 -10.49 2.52 2.88
CA THR A 10 -10.03 1.99 1.61
C THR A 10 -10.48 2.91 0.49
N ALA A 11 -9.54 3.32 -0.33
CA ALA A 11 -9.78 4.28 -1.38
C ALA A 11 -9.42 3.68 -2.73
N GLY A 12 -10.29 3.92 -3.71
CA GLY A 12 -10.03 3.52 -5.07
C GLY A 12 -10.08 2.02 -5.25
N GLY A 13 -9.35 1.55 -6.26
CA GLY A 13 -9.27 0.15 -6.58
C GLY A 13 -9.70 -0.11 -8.01
N TYR A 14 -9.79 -1.40 -8.32
CA TYR A 14 -10.06 -1.86 -9.67
C TYR A 14 -11.04 -3.02 -9.65
N PHE A 15 -12.08 -2.89 -10.47
CA PHE A 15 -12.94 -4.01 -10.85
C PHE A 15 -13.57 -3.61 -12.17
N ARG A 16 -13.09 -4.20 -13.25
CA ARG A 16 -13.49 -3.87 -14.63
C ARG A 16 -12.93 -2.53 -15.08
N GLN A 17 -12.91 -1.55 -14.18
CA GLN A 17 -12.28 -0.26 -14.43
C GLN A 17 -11.82 0.27 -13.08
N SER A 18 -11.07 1.36 -13.10
CA SER A 18 -10.65 1.97 -11.85
C SER A 18 -11.85 2.60 -11.15
N LEU A 19 -11.77 2.65 -9.82
CA LEU A 19 -12.90 2.97 -8.97
C LEU A 19 -12.61 4.25 -8.19
N SER A 20 -13.70 4.92 -7.79
CA SER A 20 -13.59 6.14 -7.01
CA SER A 20 -13.62 6.15 -7.01
C SER A 20 -14.03 5.95 -5.56
N TYR A 21 -14.32 4.72 -5.15
CA TYR A 21 -14.92 4.49 -3.83
C TYR A 21 -14.00 4.92 -2.71
N LEU A 22 -14.59 5.51 -1.68
CA LEU A 22 -13.94 5.68 -0.39
C LEU A 22 -14.89 5.06 0.63
N GLU A 23 -14.45 4.00 1.30
CA GLU A 23 -15.27 3.31 2.29
C GLU A 23 -14.43 3.07 3.53
N ALA A 24 -15.06 3.04 4.68
CA ALA A 24 -14.35 2.95 5.96
C ALA A 24 -14.98 1.86 6.81
N TYR A 25 -14.13 0.96 7.31
CA TYR A 25 -14.55 -0.17 8.12
C TYR A 25 -14.22 0.10 9.59
N ASN A 26 -15.16 -0.22 10.46
CA ASN A 26 -14.98 -0.03 11.90
C ASN A 26 -14.78 -1.38 12.56
N PRO A 27 -13.57 -1.75 12.93
CA PRO A 27 -13.37 -3.07 13.55
C PRO A 27 -14.15 -3.26 14.83
N SER A 28 -14.54 -2.18 15.51
N SER A 28 -14.54 -2.18 15.51
CA SER A 28 -15.22 -2.31 16.80
CA SER A 28 -15.21 -2.35 16.79
C SER A 28 -16.67 -2.73 16.67
C SER A 28 -16.66 -2.79 16.65
N ASN A 29 -17.29 -2.55 15.50
CA ASN A 29 -18.68 -2.94 15.33
C ASN A 29 -18.99 -3.60 14.00
N GLY A 30 -18.00 -3.81 13.14
CA GLY A 30 -18.21 -4.51 11.88
C GLY A 30 -18.85 -3.69 10.79
N SER A 31 -19.10 -2.41 11.02
CA SER A 31 -19.82 -1.61 10.04
C SER A 31 -18.90 -1.03 8.98
N TRP A 32 -19.49 -0.78 7.82
CA TRP A 32 -18.85 -0.07 6.73
C TRP A 32 -19.64 1.21 6.45
N LEU A 33 -18.91 2.27 6.15
CA LEU A 33 -19.50 3.53 5.75
C LEU A 33 -19.00 3.86 4.35
N ARG A 34 -19.90 4.31 3.48
CA ARG A 34 -19.49 4.87 2.20
C ARG A 34 -19.36 6.38 2.35
N LEU A 35 -18.21 6.90 1.99
CA LEU A 35 -17.84 8.29 2.16
C LEU A 35 -17.68 8.92 0.77
N ALA A 36 -17.18 10.16 0.75
CA ALA A 36 -17.12 10.90 -0.50
C ALA A 36 -16.21 10.22 -1.51
N ASP A 37 -16.72 10.03 -2.73
CA ASP A 37 -15.90 9.48 -3.80
C ASP A 37 -14.67 10.34 -4.05
N LEU A 38 -13.58 9.70 -4.43
CA LEU A 38 -12.44 10.40 -5.02
C LEU A 38 -12.90 11.26 -6.18
N GLN A 39 -12.17 12.36 -6.42
CA GLN A 39 -12.49 13.21 -7.56
C GLN A 39 -12.22 12.51 -8.89
N VAL A 40 -11.18 11.68 -8.94
CA VAL A 40 -10.78 10.95 -10.14
C VAL A 40 -10.67 9.47 -9.78
N PRO A 41 -11.26 8.54 -10.54
CA PRO A 41 -11.07 7.12 -10.23
C PRO A 41 -9.60 6.74 -10.31
N ARG A 42 -9.19 5.82 -9.45
CA ARG A 42 -7.80 5.39 -9.50
C ARG A 42 -7.64 4.02 -8.88
N SER A 43 -6.82 3.22 -9.52
CA SER A 43 -6.33 1.94 -9.03
C SER A 43 -4.81 2.00 -8.97
N GLY A 44 -4.22 1.07 -8.25
CA GLY A 44 -2.77 1.05 -8.17
C GLY A 44 -2.18 2.20 -7.39
N LEU A 45 -2.98 2.83 -6.56
CA LEU A 45 -2.59 3.95 -5.72
C LEU A 45 -2.14 3.43 -4.36
N ALA A 46 -1.65 4.33 -3.53
CA ALA A 46 -1.41 4.03 -2.13
C ALA A 46 -2.11 5.06 -1.27
N GLY A 47 -2.44 4.64 -0.05
CA GLY A 47 -2.98 5.53 0.95
C GLY A 47 -2.03 5.70 2.11
N CYS A 48 -2.15 6.82 2.80
CA CYS A 48 -1.42 7.04 4.03
C CYS A 48 -2.11 8.15 4.80
N VAL A 49 -1.69 8.36 6.04
CA VAL A 49 -2.27 9.36 6.91
C VAL A 49 -1.17 10.20 7.53
N VAL A 50 -1.35 11.51 7.51
CA VAL A 50 -0.50 12.44 8.23
C VAL A 50 -1.41 13.46 8.91
N GLY A 51 -1.21 13.67 10.21
CA GLY A 51 -1.99 14.68 10.90
C GLY A 51 -3.47 14.46 10.86
N GLY A 52 -3.90 13.20 10.90
CA GLY A 52 -5.32 12.89 10.88
C GLY A 52 -5.98 13.03 9.53
N LEU A 53 -5.23 13.35 8.48
CA LEU A 53 -5.77 13.49 7.14
C LEU A 53 -5.34 12.28 6.30
N LEU A 54 -6.24 11.82 5.45
CA LEU A 54 -6.01 10.67 4.58
C LEU A 54 -5.54 11.16 3.23
N TYR A 55 -4.45 10.58 2.73
CA TYR A 55 -3.93 10.95 1.43
C TYR A 55 -4.01 9.78 0.46
N ALA A 56 -4.39 10.07 -0.76
CA ALA A 56 -4.40 9.14 -1.88
C ALA A 56 -3.32 9.59 -2.86
N VAL A 57 -2.40 8.68 -3.18
CA VAL A 57 -1.17 9.01 -3.90
C VAL A 57 -1.04 8.16 -5.14
N GLY A 58 -0.88 8.82 -6.29
CA GLY A 58 -0.58 8.11 -7.52
C GLY A 58 -1.70 7.20 -7.99
N GLY A 59 -1.31 6.17 -8.73
CA GLY A 59 -2.25 5.25 -9.35
C GLY A 59 -2.40 5.47 -10.84
N ARG A 60 -3.51 4.97 -11.36
CA ARG A 60 -3.86 5.06 -12.77
C ARG A 60 -5.37 5.03 -12.85
N ASN A 61 -5.93 5.82 -13.74
CA ASN A 61 -7.35 5.72 -14.08
C ASN A 61 -7.49 4.89 -15.35
N ASN A 62 -7.82 3.61 -15.16
CA ASN A 62 -8.27 2.73 -16.23
C ASN A 62 -9.76 3.00 -16.42
N SER A 63 -10.13 3.66 -17.51
CA SER A 63 -11.51 4.01 -17.77
C SER A 63 -11.89 3.54 -19.16
N PRO A 64 -13.20 3.57 -19.49
CA PRO A 64 -13.61 3.35 -20.88
C PRO A 64 -12.84 4.19 -21.88
N ASP A 65 -12.55 5.44 -21.53
CA ASP A 65 -11.99 6.42 -22.46
C ASP A 65 -10.46 6.47 -22.45
N GLY A 66 -9.77 5.65 -21.68
CA GLY A 66 -8.33 5.75 -21.65
C GLY A 66 -7.74 5.16 -20.39
N ASN A 67 -6.41 5.15 -20.36
CA ASN A 67 -5.64 4.72 -19.19
C ASN A 67 -4.65 5.82 -18.89
N THR A 68 -4.84 6.53 -17.80
CA THR A 68 -4.02 7.70 -17.48
C THR A 68 -3.32 7.48 -16.15
N ASP A 69 -2.00 7.40 -16.17
CA ASP A 69 -1.23 7.30 -14.93
C ASP A 69 -1.34 8.60 -14.15
N SER A 70 -1.36 8.50 -12.84
CA SER A 70 -1.60 9.65 -11.97
C SER A 70 -0.34 10.11 -11.26
N SER A 71 -0.11 11.42 -11.30
CA SER A 71 0.86 12.08 -10.43
C SER A 71 0.19 12.74 -9.24
N ALA A 72 -1.10 12.46 -9.03
CA ALA A 72 -1.87 13.23 -8.08
C ALA A 72 -1.63 12.85 -6.64
N LEU A 73 -1.75 13.85 -5.78
CA LEU A 73 -1.87 13.69 -4.34
C LEU A 73 -3.15 14.43 -3.95
N ASP A 74 -4.05 13.71 -3.29
CA ASP A 74 -5.32 14.26 -2.84
C ASP A 74 -5.51 13.92 -1.37
N CYS A 75 -6.09 14.84 -0.61
N CYS A 75 -6.17 14.82 -0.65
CA CYS A 75 -6.24 14.64 0.82
CA CYS A 75 -6.30 14.76 0.79
C CYS A 75 -7.69 14.74 1.25
C CYS A 75 -7.76 14.71 1.18
N TYR A 76 -8.13 13.74 2.01
CA TYR A 76 -9.47 13.61 2.54
C TYR A 76 -9.48 13.96 4.02
N ASN A 77 -10.38 14.85 4.41
CA ASN A 77 -10.50 15.25 5.81
C ASN A 77 -11.76 14.62 6.38
N PRO A 78 -11.63 13.68 7.32
CA PRO A 78 -12.83 13.08 7.90
C PRO A 78 -13.76 14.08 8.56
N MET A 79 -13.24 15.23 9.01
CA MET A 79 -14.10 16.22 9.65
C MET A 79 -15.07 16.87 8.66
N THR A 80 -14.71 16.93 7.37
CA THR A 80 -15.54 17.59 6.37
C THR A 80 -16.11 16.65 5.33
N ASN A 81 -15.63 15.41 5.27
CA ASN A 81 -16.01 14.47 4.22
C ASN A 81 -15.75 15.06 2.84
N GLN A 82 -14.63 15.76 2.69
CA GLN A 82 -14.25 16.34 1.42
C GLN A 82 -12.81 15.99 1.06
N TRP A 83 -12.60 15.77 -0.23
CA TRP A 83 -11.29 15.62 -0.83
C TRP A 83 -10.82 16.97 -1.36
N SER A 84 -9.53 17.26 -1.16
CA SER A 84 -8.90 18.46 -1.66
C SER A 84 -7.63 18.08 -2.42
N PRO A 85 -7.39 18.66 -3.60
CA PRO A 85 -6.12 18.41 -4.27
C PRO A 85 -4.94 19.03 -3.53
N CYS A 86 -3.81 18.36 -3.60
CA CYS A 86 -2.54 18.86 -3.12
C CYS A 86 -1.60 18.99 -4.31
N ALA A 87 -0.38 19.47 -4.05
CA ALA A 87 0.61 19.53 -5.11
C ALA A 87 0.84 18.15 -5.70
N SER A 88 1.00 18.10 -7.02
CA SER A 88 1.25 16.83 -7.70
C SER A 88 2.72 16.47 -7.64
N MET A 89 2.98 15.18 -7.76
CA MET A 89 4.32 14.63 -7.82
C MET A 89 5.02 15.05 -9.11
N SER A 90 6.33 14.82 -9.15
CA SER A 90 7.12 15.17 -10.31
C SER A 90 6.75 14.34 -11.54
N VAL A 91 6.14 13.17 -11.34
CA VAL A 91 5.98 12.17 -12.38
C VAL A 91 4.76 11.34 -12.06
N PRO A 92 4.05 10.80 -13.06
CA PRO A 92 3.00 9.82 -12.75
C PRO A 92 3.61 8.55 -12.18
N ARG A 93 2.90 7.92 -11.24
CA ARG A 93 3.35 6.71 -10.56
C ARG A 93 2.16 5.79 -10.33
N ASN A 94 1.96 4.83 -11.23
CA ASN A 94 1.00 3.75 -11.03
C ASN A 94 1.71 2.59 -10.33
N ARG A 95 0.94 1.81 -9.58
CA ARG A 95 1.48 0.68 -8.83
C ARG A 95 2.60 1.18 -7.91
N ILE A 96 2.26 2.25 -7.20
CA ILE A 96 3.17 2.99 -6.33
C ILE A 96 3.22 2.35 -4.95
N GLY A 97 4.30 2.62 -4.22
CA GLY A 97 4.35 2.38 -2.79
C GLY A 97 4.62 3.68 -2.06
N VAL A 98 4.10 3.79 -0.85
CA VAL A 98 4.30 5.00 -0.05
CA VAL A 98 4.20 5.00 -0.04
C VAL A 98 4.55 4.64 1.39
N GLY A 99 5.35 5.49 2.04
CA GLY A 99 5.59 5.40 3.46
C GLY A 99 5.69 6.80 4.03
N VAL A 100 5.43 6.92 5.32
CA VAL A 100 5.50 8.19 6.03
C VAL A 100 6.64 8.16 7.04
N ILE A 101 7.52 9.16 7.00
CA ILE A 101 8.54 9.34 8.02
C ILE A 101 8.35 10.73 8.60
N ASP A 102 8.14 10.80 9.91
CA ASP A 102 8.08 12.05 10.64
C ASP A 102 7.27 13.12 9.89
N GLY A 103 6.06 12.71 9.51
CA GLY A 103 5.10 13.63 8.91
C GLY A 103 5.33 13.94 7.46
N HIS A 104 6.21 13.21 6.78
CA HIS A 104 6.51 13.44 5.38
C HIS A 104 6.16 12.19 4.59
N ILE A 105 5.54 12.37 3.43
CA ILE A 105 5.10 11.26 2.60
C ILE A 105 6.18 10.96 1.56
N TYR A 106 6.65 9.72 1.52
CA TYR A 106 7.56 9.27 0.49
C TYR A 106 6.79 8.47 -0.54
N ALA A 107 6.89 8.89 -1.80
CA ALA A 107 6.35 8.19 -2.96
C ALA A 107 7.49 7.46 -3.64
N VAL A 108 7.31 6.15 -3.84
CA VAL A 108 8.39 5.25 -4.21
C VAL A 108 8.04 4.51 -5.49
N GLY A 109 8.88 4.64 -6.50
CA GLY A 109 8.76 3.77 -7.66
C GLY A 109 7.47 3.97 -8.44
N GLY A 110 6.97 2.87 -8.96
CA GLY A 110 5.78 2.89 -9.78
C GLY A 110 6.11 3.02 -11.26
N SER A 111 5.05 2.96 -12.08
CA SER A 111 5.19 2.99 -13.53
C SER A 111 4.54 4.21 -14.15
N HIS A 112 5.02 4.56 -15.34
CA HIS A 112 4.41 5.57 -16.20
C HIS A 112 4.54 5.01 -17.61
N GLY A 113 3.43 4.50 -18.16
CA GLY A 113 3.57 3.78 -19.41
C GLY A 113 4.54 2.64 -19.22
N CYS A 114 5.44 2.49 -20.17
CA CYS A 114 6.46 1.44 -20.11
C CYS A 114 7.65 1.79 -19.23
N ILE A 115 7.66 2.95 -18.58
CA ILE A 115 8.75 3.37 -17.73
C ILE A 115 8.55 2.79 -16.33
N HIS A 116 9.59 2.15 -15.79
CA HIS A 116 9.60 1.60 -14.44
C HIS A 116 10.52 2.48 -13.61
N HIS A 117 9.97 3.17 -12.62
CA HIS A 117 10.74 4.17 -11.89
C HIS A 117 11.61 3.55 -10.81
N SER A 118 12.83 4.07 -10.69
CA SER A 118 13.58 3.97 -9.44
C SER A 118 13.46 5.23 -8.59
N SER A 119 12.91 6.30 -9.14
CA SER A 119 12.88 7.57 -8.44
C SER A 119 11.96 7.52 -7.22
N VAL A 120 12.25 8.43 -6.30
CA VAL A 120 11.57 8.56 -5.02
C VAL A 120 11.47 10.04 -4.72
N GLU A 121 10.32 10.47 -4.21
CA GLU A 121 10.13 11.87 -3.84
C GLU A 121 9.39 11.97 -2.52
N ARG A 122 9.54 13.12 -1.88
CA ARG A 122 9.09 13.34 -0.51
C ARG A 122 8.21 14.58 -0.46
N TYR A 123 7.03 14.43 0.15
CA TYR A 123 6.06 15.50 0.29
C TYR A 123 6.09 16.09 1.69
N GLU A 124 6.05 17.41 1.75
CA GLU A 124 6.02 18.20 2.97
C GLU A 124 4.63 18.80 3.11
N PRO A 125 3.77 18.26 3.97
CA PRO A 125 2.39 18.77 4.01
C PRO A 125 2.25 20.23 4.39
N GLU A 126 3.06 20.73 5.32
CA GLU A 126 2.88 22.10 5.73
C GLU A 126 3.25 23.07 4.60
N ARG A 127 4.23 22.71 3.79
CA ARG A 127 4.65 23.53 2.67
C ARG A 127 3.94 23.19 1.37
N ASP A 128 3.21 22.08 1.33
CA ASP A 128 2.56 21.59 0.10
C ASP A 128 3.56 21.55 -1.06
N GLU A 129 4.67 20.86 -0.83
CA GLU A 129 5.72 20.72 -1.83
C GLU A 129 6.24 19.30 -1.84
N TRP A 130 6.51 18.82 -3.05
CA TRP A 130 7.28 17.61 -3.28
C TRP A 130 8.70 17.96 -3.69
N HIS A 131 9.64 17.11 -3.28
CA HIS A 131 11.01 17.19 -3.76
C HIS A 131 11.57 15.79 -3.94
N LEU A 132 12.32 15.58 -5.01
CA LEU A 132 12.95 14.30 -5.25
C LEU A 132 14.06 14.07 -4.23
N VAL A 133 14.19 12.81 -3.79
CA VAL A 133 15.31 12.40 -2.95
C VAL A 133 16.12 11.37 -3.73
N ALA A 134 17.05 10.68 -3.08
CA ALA A 134 17.87 9.73 -3.80
C ALA A 134 17.00 8.62 -4.37
N PRO A 135 17.24 8.20 -5.62
CA PRO A 135 16.49 7.07 -6.17
C PRO A 135 16.91 5.74 -5.54
N MET A 136 16.02 4.76 -5.64
CA MET A 136 16.33 3.42 -5.22
C MET A 136 17.47 2.86 -6.09
N LEU A 137 18.05 1.77 -5.63
CA LEU A 137 19.06 1.05 -6.40
C LEU A 137 18.43 0.19 -7.49
N THR A 138 17.11 0.04 -7.48
CA THR A 138 16.39 -0.85 -8.37
C THR A 138 15.15 -0.12 -8.86
N ARG A 139 14.81 -0.31 -10.13
CA ARG A 139 13.51 0.13 -10.62
C ARG A 139 12.45 -0.85 -10.14
N ARG A 140 11.38 -0.33 -9.54
CA ARG A 140 10.36 -1.18 -8.94
C ARG A 140 8.97 -0.61 -9.14
N ILE A 141 8.09 -1.39 -9.75
CA ILE A 141 6.68 -1.10 -9.79
C ILE A 141 5.96 -2.22 -9.04
N GLY A 142 4.77 -1.92 -8.52
CA GLY A 142 4.13 -2.90 -7.66
C GLY A 142 4.95 -3.16 -6.42
N VAL A 143 5.63 -2.14 -5.96
CA VAL A 143 6.55 -2.19 -4.83
C VAL A 143 5.77 -1.99 -3.53
N GLY A 144 6.14 -2.78 -2.53
CA GLY A 144 5.59 -2.60 -1.19
C GLY A 144 6.52 -1.74 -0.37
N VAL A 145 5.95 -0.83 0.40
CA VAL A 145 6.72 0.10 1.21
C VAL A 145 6.21 0.12 2.63
N ALA A 146 7.14 0.21 3.57
CA ALA A 146 6.76 0.39 4.96
C ALA A 146 7.90 1.09 5.70
N VAL A 147 7.56 1.65 6.84
CA VAL A 147 8.49 2.43 7.65
C VAL A 147 8.56 1.82 9.04
N LEU A 148 9.77 1.61 9.52
CA LEU A 148 9.98 1.12 10.88
C LEU A 148 11.18 1.85 11.45
N ASN A 149 11.02 2.44 12.63
CA ASN A 149 12.13 3.12 13.30
C ASN A 149 12.74 4.19 12.40
N ARG A 150 11.89 4.94 11.70
CA ARG A 150 12.30 6.07 10.86
C ARG A 150 13.28 5.65 9.77
N LEU A 151 13.13 4.43 9.29
CA LEU A 151 13.81 3.93 8.10
C LEU A 151 12.73 3.43 7.15
N LEU A 152 12.92 3.65 5.85
CA LEU A 152 11.92 3.35 4.82
C LEU A 152 12.37 2.13 4.02
N TYR A 153 11.49 1.16 3.87
CA TYR A 153 11.80 -0.08 3.18
C TYR A 153 10.97 -0.18 1.90
N ALA A 154 11.64 -0.57 0.82
CA ALA A 154 11.02 -0.86 -0.47
C ALA A 154 11.24 -2.34 -0.74
N VAL A 155 10.16 -3.07 -0.98
CA VAL A 155 10.17 -4.53 -0.96
C VAL A 155 9.57 -5.07 -2.24
N GLY A 156 10.33 -5.89 -2.95
CA GLY A 156 9.84 -6.59 -4.11
C GLY A 156 9.46 -5.65 -5.24
N GLY A 157 8.49 -6.07 -6.02
CA GLY A 157 8.05 -5.36 -7.19
C GLY A 157 8.46 -6.03 -8.48
N PHE A 158 8.40 -5.25 -9.54
CA PHE A 158 8.62 -5.73 -10.89
C PHE A 158 9.45 -4.66 -11.58
N ASP A 159 10.55 -5.06 -12.21
CA ASP A 159 11.38 -4.14 -12.97
C ASP A 159 11.07 -4.16 -14.47
N GLY A 160 9.99 -4.82 -14.89
CA GLY A 160 9.63 -4.95 -16.29
C GLY A 160 10.09 -6.22 -16.94
N THR A 161 11.12 -6.84 -16.40
CA THR A 161 11.63 -8.13 -16.87
C THR A 161 11.37 -9.23 -15.87
N ASN A 162 11.70 -9.00 -14.60
CA ASN A 162 11.51 -10.00 -13.56
C ASN A 162 10.79 -9.39 -12.38
N ARG A 163 9.92 -10.19 -11.77
CA ARG A 163 9.47 -9.88 -10.44
C ARG A 163 10.63 -10.11 -9.49
N LEU A 164 10.61 -9.41 -8.37
CA LEU A 164 11.78 -9.27 -7.52
C LEU A 164 11.54 -9.85 -6.15
N ASN A 165 12.55 -10.55 -5.62
CA ASN A 165 12.60 -10.83 -4.19
C ASN A 165 13.46 -9.84 -3.43
N SER A 166 14.13 -8.92 -4.12
CA SER A 166 15.04 -8.02 -3.45
C SER A 166 14.29 -6.95 -2.70
N ALA A 167 15.00 -6.32 -1.77
CA ALA A 167 14.45 -5.25 -0.96
C ALA A 167 15.59 -4.33 -0.57
N GLU A 168 15.23 -3.10 -0.23
CA GLU A 168 16.24 -2.09 0.10
C GLU A 168 15.67 -1.11 1.10
N CYS A 169 16.57 -0.43 1.79
CA CYS A 169 16.22 0.47 2.88
C CYS A 169 16.83 1.83 2.64
N TYR A 170 16.04 2.86 2.93
CA TYR A 170 16.45 4.25 2.79
C TYR A 170 16.73 4.84 4.16
N TYR A 171 17.92 5.43 4.28
CA TYR A 171 18.42 6.01 5.53
C TYR A 171 18.36 7.52 5.37
N PRO A 172 17.34 8.18 5.94
CA PRO A 172 17.10 9.58 5.55
C PRO A 172 18.26 10.51 5.84
N GLU A 173 18.94 10.34 6.96
CA GLU A 173 20.01 11.26 7.34
C GLU A 173 21.18 11.20 6.37
N ARG A 174 21.31 10.12 5.59
CA ARG A 174 22.35 10.01 4.60
C ARG A 174 21.82 10.10 3.19
N ASN A 175 20.50 10.26 3.03
CA ASN A 175 19.85 10.26 1.71
C ASN A 175 20.39 9.14 0.83
N GLU A 176 20.35 7.93 1.36
CA GLU A 176 21.03 6.79 0.75
C GLU A 176 20.17 5.54 0.89
N TRP A 177 20.17 4.72 -0.16
CA TRP A 177 19.56 3.40 -0.16
C TRP A 177 20.63 2.33 -0.07
N ARG A 178 20.33 1.27 0.66
CA ARG A 178 21.16 0.08 0.73
C ARG A 178 20.29 -1.16 0.60
N MET A 179 20.79 -2.17 -0.10
N MET A 179 20.78 -2.17 -0.10
CA MET A 179 20.07 -3.43 -0.17
CA MET A 179 20.07 -3.43 -0.16
C MET A 179 20.00 -4.07 1.20
C MET A 179 20.00 -4.06 1.21
N ILE A 180 18.89 -4.75 1.48
CA ILE A 180 18.76 -5.61 2.66
C ILE A 180 18.70 -7.06 2.17
N THR A 181 18.66 -8.00 3.11
CA THR A 181 18.47 -9.39 2.73
C THR A 181 17.27 -9.51 1.82
N PRO A 182 17.36 -10.29 0.75
CA PRO A 182 16.17 -10.50 -0.09
C PRO A 182 15.16 -11.42 0.59
N MET A 183 13.90 -11.25 0.21
CA MET A 183 12.84 -12.16 0.62
C MET A 183 13.13 -13.57 0.11
N ASN A 184 12.46 -14.53 0.73
CA ASN A 184 12.50 -15.89 0.23
C ASN A 184 11.70 -16.09 -1.05
N THR A 185 10.72 -15.23 -1.31
CA THR A 185 9.82 -15.37 -2.43
C THR A 185 9.84 -14.10 -3.27
N ILE A 186 9.84 -14.28 -4.58
CA ILE A 186 9.62 -13.17 -5.51
C ILE A 186 8.18 -12.70 -5.36
N ARG A 187 8.00 -11.38 -5.20
CA ARG A 187 6.65 -10.84 -5.06
C ARG A 187 6.55 -9.46 -5.68
N SER A 188 5.55 -9.27 -6.54
CA SER A 188 5.12 -7.94 -6.88
CA SER A 188 5.10 -7.96 -6.95
C SER A 188 3.65 -7.80 -6.49
N GLY A 189 3.25 -6.58 -6.16
CA GLY A 189 1.90 -6.37 -5.70
C GLY A 189 1.59 -7.06 -4.38
N ALA A 190 2.58 -7.24 -3.52
CA ALA A 190 2.36 -7.73 -2.17
C ALA A 190 1.88 -6.59 -1.28
N GLY A 191 1.22 -6.94 -0.19
CA GLY A 191 0.93 -5.98 0.86
C GLY A 191 2.12 -5.95 1.81
N VAL A 192 2.66 -4.77 2.04
CA VAL A 192 3.83 -4.59 2.90
C VAL A 192 3.48 -3.60 4.00
N CYS A 193 3.78 -3.98 5.23
CA CYS A 193 3.46 -3.20 6.41
C CYS A 193 4.46 -3.50 7.51
N VAL A 194 4.31 -2.82 8.63
CA VAL A 194 5.19 -3.00 9.77
C VAL A 194 4.36 -3.41 10.96
N LEU A 195 4.88 -4.37 11.71
CA LEU A 195 4.19 -4.77 12.93
C LEU A 195 5.29 -5.19 13.90
N HIS A 196 5.29 -4.55 15.07
CA HIS A 196 6.34 -4.73 16.05
C HIS A 196 7.67 -4.43 15.39
N ASN A 197 8.65 -5.34 15.39
CA ASN A 197 9.99 -5.00 14.91
C ASN A 197 10.25 -5.63 13.54
N CYS A 198 9.20 -5.98 12.79
CA CYS A 198 9.36 -6.62 11.51
C CYS A 198 8.57 -5.95 10.40
N ILE A 199 9.12 -6.07 9.19
N ILE A 199 9.09 -6.11 9.19
CA ILE A 199 8.46 -5.66 7.96
CA ILE A 199 8.43 -5.69 7.96
C ILE A 199 7.80 -6.92 7.38
C ILE A 199 7.79 -6.93 7.37
N TYR A 200 6.49 -6.90 7.19
CA TYR A 200 5.77 -8.03 6.63
C TYR A 200 5.53 -7.82 5.15
N ALA A 201 5.62 -8.91 4.39
CA ALA A 201 5.25 -8.95 2.97
C ALA A 201 4.24 -10.08 2.82
N ALA A 202 3.00 -9.73 2.48
CA ALA A 202 1.90 -10.68 2.38
C ALA A 202 1.45 -10.79 0.95
N GLY A 203 1.34 -12.01 0.44
CA GLY A 203 0.75 -12.20 -0.86
C GLY A 203 1.59 -11.64 -1.97
N GLY A 204 0.89 -11.24 -3.03
CA GLY A 204 1.53 -10.76 -4.24
C GLY A 204 1.47 -11.79 -5.35
N TYR A 205 2.27 -11.51 -6.37
CA TYR A 205 2.33 -12.32 -7.59
C TYR A 205 3.80 -12.63 -7.86
N ASP A 206 4.11 -13.90 -8.11
CA ASP A 206 5.50 -14.29 -8.33
C ASP A 206 5.86 -14.41 -9.80
N GLY A 207 4.96 -14.00 -10.71
CA GLY A 207 5.12 -14.21 -12.12
C GLY A 207 4.32 -15.36 -12.68
N GLN A 208 3.94 -16.31 -11.83
CA GLN A 208 3.12 -17.45 -12.22
C GLN A 208 1.82 -17.53 -11.43
N ASP A 209 1.87 -17.30 -10.13
CA ASP A 209 0.71 -17.50 -9.27
C ASP A 209 0.58 -16.33 -8.31
N GLN A 210 -0.67 -16.03 -7.96
CA GLN A 210 -0.95 -15.21 -6.79
C GLN A 210 -0.63 -16.02 -5.54
N LEU A 211 -0.15 -15.35 -4.51
CA LEU A 211 0.46 -15.98 -3.35
C LEU A 211 -0.43 -15.81 -2.13
N ASN A 212 -0.47 -16.83 -1.27
CA ASN A 212 -0.99 -16.68 0.08
C ASN A 212 0.11 -16.63 1.14
N SER A 213 1.37 -16.85 0.76
CA SER A 213 2.42 -16.88 1.77
C SER A 213 2.70 -15.46 2.28
N VAL A 214 3.22 -15.42 3.50
CA VAL A 214 3.51 -14.18 4.21
C VAL A 214 4.86 -14.38 4.89
N GLU A 215 5.76 -13.42 4.73
CA GLU A 215 7.06 -13.49 5.38
C GLU A 215 7.37 -12.15 6.01
N ARG A 216 8.22 -12.18 7.02
CA ARG A 216 8.55 -10.98 7.77
C ARG A 216 10.04 -10.84 7.98
N TYR A 217 10.51 -9.62 7.84
CA TYR A 217 11.91 -9.24 7.96
C TYR A 217 12.14 -8.62 9.32
N ASP A 218 12.99 -9.24 10.12
CA ASP A 218 13.35 -8.73 11.43
C ASP A 218 14.51 -7.76 11.22
N VAL A 219 14.27 -6.48 11.52
CA VAL A 219 15.23 -5.45 11.16
C VAL A 219 16.51 -5.52 11.98
N GLU A 220 16.52 -6.28 13.07
CA GLU A 220 17.73 -6.46 13.86
C GLU A 220 18.53 -7.66 13.35
N THR A 221 17.86 -8.80 13.13
CA THR A 221 18.56 -10.02 12.77
C THR A 221 18.75 -10.16 11.26
N GLU A 222 18.04 -9.36 10.48
CA GLU A 222 18.18 -9.30 9.03
C GLU A 222 17.74 -10.58 8.34
N THR A 223 16.84 -11.32 8.95
CA THR A 223 16.31 -12.53 8.35
C THR A 223 14.86 -12.32 7.91
N TRP A 224 14.47 -13.09 6.91
CA TRP A 224 13.07 -13.22 6.52
C TRP A 224 12.56 -14.59 6.95
N THR A 225 11.41 -14.59 7.62
CA THR A 225 10.80 -15.81 8.14
C THR A 225 9.35 -15.87 7.68
N PHE A 226 8.92 -17.03 7.17
CA PHE A 226 7.51 -17.19 6.88
C PHE A 226 6.69 -17.29 8.16
N VAL A 227 5.51 -16.67 8.14
CA VAL A 227 4.51 -16.82 9.18
C VAL A 227 3.33 -17.60 8.59
N ALA A 228 2.25 -17.75 9.34
CA ALA A 228 1.10 -18.46 8.79
C ALA A 228 0.64 -17.81 7.48
N PRO A 229 0.30 -18.61 6.47
CA PRO A 229 -0.22 -18.04 5.22
C PRO A 229 -1.64 -17.54 5.40
N MET A 230 -1.99 -16.58 4.54
CA MET A 230 -3.37 -16.14 4.47
C MET A 230 -4.27 -17.28 3.99
N ARG A 231 -5.56 -17.17 4.33
CA ARG A 231 -6.52 -18.14 3.80
C ARG A 231 -6.64 -18.03 2.29
N HIS A 232 -6.58 -16.83 1.75
CA HIS A 232 -6.76 -16.63 0.33
C HIS A 232 -5.49 -16.11 -0.33
N HIS A 233 -5.12 -16.74 -1.43
CA HIS A 233 -4.10 -16.16 -2.28
C HIS A 233 -4.59 -14.82 -2.82
N ARG A 234 -3.72 -13.82 -2.85
CA ARG A 234 -4.13 -12.52 -3.33
C ARG A 234 -2.93 -11.71 -3.78
N SER A 235 -3.10 -11.03 -4.91
CA SER A 235 -2.17 -10.01 -5.33
C SER A 235 -2.91 -8.68 -5.42
N ALA A 236 -2.13 -7.59 -5.43
CA ALA A 236 -2.72 -6.25 -5.50
C ALA A 236 -3.72 -6.06 -4.36
N LEU A 237 -3.34 -6.51 -3.17
CA LEU A 237 -4.14 -6.37 -1.98
C LEU A 237 -3.83 -5.05 -1.27
N GLY A 238 -4.80 -4.55 -0.53
CA GLY A 238 -4.56 -3.48 0.41
C GLY A 238 -4.12 -4.06 1.74
N ILE A 239 -3.37 -3.28 2.51
CA ILE A 239 -2.90 -3.73 3.81
C ILE A 239 -2.81 -2.55 4.75
N THR A 240 -3.04 -2.81 6.02
CA THR A 240 -2.78 -1.84 7.07
C THR A 240 -2.63 -2.58 8.37
N VAL A 241 -2.33 -1.84 9.42
CA VAL A 241 -2.17 -2.37 10.76
C VAL A 241 -3.05 -1.55 11.68
N HIS A 242 -3.72 -2.24 12.58
CA HIS A 242 -4.60 -1.56 13.51
C HIS A 242 -4.62 -2.37 14.79
N GLN A 243 -4.31 -1.72 15.89
CA GLN A 243 -4.32 -2.32 17.23
C GLN A 243 -3.59 -3.65 17.21
N GLY A 244 -2.40 -3.64 16.63
CA GLY A 244 -1.49 -4.76 16.76
C GLY A 244 -1.80 -5.92 15.86
N LYS A 245 -2.67 -5.74 14.88
N LYS A 245 -2.66 -5.74 14.87
CA LYS A 245 -3.03 -6.80 13.94
CA LYS A 245 -3.03 -6.80 13.94
C LYS A 245 -2.94 -6.27 12.52
C LYS A 245 -2.94 -6.27 12.52
N ILE A 246 -2.61 -7.16 11.60
CA ILE A 246 -2.54 -6.81 10.19
C ILE A 246 -3.90 -7.10 9.56
N TYR A 247 -4.37 -6.18 8.72
CA TYR A 247 -5.57 -6.38 7.92
C TYR A 247 -5.19 -6.34 6.45
N VAL A 248 -5.62 -7.34 5.70
CA VAL A 248 -5.45 -7.39 4.25
C VAL A 248 -6.83 -7.29 3.61
N LEU A 249 -6.93 -6.49 2.55
CA LEU A 249 -8.22 -6.15 1.94
C LEU A 249 -8.18 -6.45 0.45
N GLY A 250 -9.10 -7.29 0.01
CA GLY A 250 -9.29 -7.51 -1.40
C GLY A 250 -8.08 -8.09 -2.10
N GLY A 251 -7.94 -7.72 -3.36
CA GLY A 251 -6.93 -8.28 -4.22
C GLY A 251 -7.55 -9.22 -5.25
N TYR A 252 -6.66 -9.85 -6.00
CA TYR A 252 -7.03 -10.74 -7.09
C TYR A 252 -6.41 -12.10 -6.82
N ASP A 253 -7.19 -13.16 -6.97
CA ASP A 253 -6.70 -14.51 -6.68
C ASP A 253 -6.54 -15.35 -7.93
N GLY A 254 -6.55 -14.72 -9.10
CA GLY A 254 -6.50 -15.43 -10.36
C GLY A 254 -7.86 -15.84 -10.88
N HIS A 255 -8.92 -15.61 -10.12
CA HIS A 255 -10.26 -16.09 -10.49
C HIS A 255 -11.29 -15.02 -10.18
N THR A 256 -11.14 -14.38 -9.03
CA THR A 256 -12.11 -13.46 -8.46
C THR A 256 -11.37 -12.24 -7.94
N PHE A 257 -11.97 -11.07 -8.11
CA PHE A 257 -11.60 -9.89 -7.35
C PHE A 257 -12.23 -10.04 -5.98
N LEU A 258 -11.38 -10.22 -4.98
CA LEU A 258 -11.82 -10.62 -3.66
C LEU A 258 -12.47 -9.47 -2.91
N ASP A 259 -13.52 -9.79 -2.16
CA ASP A 259 -14.06 -8.89 -1.17
C ASP A 259 -13.59 -9.24 0.24
N SER A 260 -12.83 -10.31 0.39
N SER A 260 -12.85 -10.33 0.40
CA SER A 260 -12.41 -10.80 1.70
CA SER A 260 -12.45 -10.81 1.72
C SER A 260 -11.45 -9.83 2.39
C SER A 260 -11.45 -9.87 2.39
N VAL A 261 -11.67 -9.65 3.69
CA VAL A 261 -10.72 -8.96 4.58
C VAL A 261 -10.28 -9.96 5.65
N GLU A 262 -8.98 -10.25 5.68
CA GLU A 262 -8.41 -11.14 6.68
C GLU A 262 -7.58 -10.34 7.65
N CYS A 263 -7.45 -10.86 8.87
CA CYS A 263 -6.77 -10.19 9.97
C CYS A 263 -5.78 -11.17 10.59
N TYR A 264 -4.53 -10.73 10.72
CA TYR A 264 -3.47 -11.55 11.28
C TYR A 264 -3.21 -11.16 12.72
N ASP A 265 -3.27 -12.16 13.61
CA ASP A 265 -2.95 -11.98 15.02
C ASP A 265 -1.54 -12.52 15.25
N PRO A 266 -0.56 -11.66 15.54
CA PRO A 266 0.82 -12.15 15.69
C PRO A 266 1.02 -13.01 16.94
N ASP A 267 0.18 -12.84 17.96
CA ASP A 267 0.33 -13.61 19.18
C ASP A 267 0.07 -15.09 18.94
N SER A 268 -0.96 -15.39 18.17
CA SER A 268 -1.33 -16.76 17.85
C SER A 268 -0.81 -17.22 16.50
N ASP A 269 -0.25 -16.31 15.70
CA ASP A 269 0.21 -16.64 14.36
C ASP A 269 -0.92 -17.28 13.56
N THR A 270 -2.07 -16.59 13.53
CA THR A 270 -3.22 -17.08 12.79
C THR A 270 -3.90 -15.91 12.05
N TRP A 271 -4.53 -16.25 10.93
CA TRP A 271 -5.37 -15.35 10.17
C TRP A 271 -6.82 -15.76 10.37
N SER A 272 -7.71 -14.78 10.39
CA SER A 272 -9.14 -15.03 10.34
C SER A 272 -9.80 -14.05 9.39
N GLU A 273 -10.95 -14.43 8.86
N GLU A 273 -10.96 -14.43 8.87
CA GLU A 273 -11.75 -13.54 8.02
CA GLU A 273 -11.76 -13.54 8.02
C GLU A 273 -12.63 -12.70 8.93
C GLU A 273 -12.62 -12.70 8.95
N VAL A 274 -12.51 -11.37 8.86
CA VAL A 274 -13.19 -10.49 9.79
C VAL A 274 -14.37 -9.76 9.17
N THR A 275 -14.35 -9.53 7.86
CA THR A 275 -15.43 -8.81 7.20
C THR A 275 -15.27 -9.01 5.70
N ARG A 276 -16.25 -8.52 4.95
CA ARG A 276 -16.13 -8.43 3.50
C ARG A 276 -16.34 -6.99 3.09
N MET A 277 -15.54 -6.54 2.15
CA MET A 277 -15.80 -5.26 1.51
C MET A 277 -17.15 -5.33 0.80
N THR A 278 -17.70 -4.16 0.50
CA THR A 278 -19.01 -4.12 -0.15
C THR A 278 -18.98 -4.69 -1.55
N SER A 279 -17.81 -4.74 -2.19
CA SER A 279 -17.67 -5.38 -3.49
C SER A 279 -16.21 -5.74 -3.66
N GLY A 280 -15.96 -6.78 -4.43
CA GLY A 280 -14.59 -7.22 -4.64
C GLY A 280 -13.82 -6.26 -5.53
N ARG A 281 -12.55 -6.08 -5.21
CA ARG A 281 -11.72 -5.12 -5.94
C ARG A 281 -10.27 -5.41 -5.59
N SER A 282 -9.37 -4.97 -6.45
CA SER A 282 -7.94 -5.02 -6.22
C SER A 282 -7.35 -3.62 -6.34
N GLY A 283 -6.08 -3.47 -5.96
CA GLY A 283 -5.36 -2.24 -6.25
C GLY A 283 -5.82 -1.03 -5.47
N VAL A 284 -6.27 -1.22 -4.26
CA VAL A 284 -6.74 -0.17 -3.38
C VAL A 284 -5.59 0.49 -2.64
N GLY A 285 -5.87 1.68 -2.12
CA GLY A 285 -5.05 2.32 -1.10
C GLY A 285 -5.76 2.23 0.24
N VAL A 286 -5.00 2.02 1.31
CA VAL A 286 -5.59 1.78 2.63
C VAL A 286 -4.78 2.53 3.67
N ALA A 287 -5.47 3.08 4.68
CA ALA A 287 -4.81 3.68 5.83
C ALA A 287 -5.83 3.81 6.95
N VAL A 288 -5.34 4.17 8.14
CA VAL A 288 -6.16 4.24 9.34
C VAL A 288 -6.14 5.65 9.88
N THR A 289 -7.32 6.18 10.21
CA THR A 289 -7.37 7.43 10.95
C THR A 289 -8.72 7.51 11.65
N MET A 290 -8.95 8.63 12.31
CA MET A 290 -10.16 8.78 13.11
C MET A 290 -11.39 8.77 12.22
N GLU A 291 -12.50 8.32 12.80
CA GLU A 291 -13.78 8.31 12.11
C GLU A 291 -14.24 9.75 11.88
N PRO A 292 -15.12 9.96 10.90
CA PRO A 292 -15.78 11.27 10.72
C PRO A 292 -16.66 11.69 11.90
N1 B0A B . -4.81 -4.00 -11.40
C4 B0A B . -2.07 -2.93 -8.77
C5 B0A B . -1.35 -2.69 -7.60
C6 B0A B . -0.21 -3.48 -7.38
C7 B0A B . -3.95 -2.14 -10.13
C8 B0A B . -4.77 -3.41 -10.15
C10 B0A B . -5.76 -5.51 -13.06
C13 B0A B . -5.41 -7.81 -11.21
C1 B0A B . 0.21 -4.45 -8.31
C2 B0A B . -0.59 -4.63 -9.48
C3 B0A B . -1.70 -3.87 -9.72
O1 B0A B . -3.15 -2.12 -8.93
O2 B0A B . -5.34 -3.87 -9.22
C9 B0A B . -5.58 -5.30 -11.56
C11 B0A B . -6.57 -6.77 -13.31
C12 B0A B . -5.75 -7.95 -12.75
C14 B0A B . -4.71 -6.46 -10.95
H1 B0A B . -4.35 -3.57 -12.18
H2 B0A B . -1.69 -1.93 -6.92
H3 B0A B . 0.37 -3.33 -6.49
H4 B0A B . -4.62 -1.28 -10.13
H5 B0A B . -3.30 -2.11 -11.00
H6 B0A B . -4.78 -5.59 -13.53
H7 B0A B . -6.30 -4.65 -13.48
H8 B0A B . -6.33 -7.85 -10.63
H9 B0A B . -4.75 -8.62 -10.91
H10 B0A B . 1.10 -5.03 -8.13
H11 B0A B . -0.31 -5.38 -10.21
H12 B0A B . -2.29 -3.99 -10.62
H13 B0A B . -6.55 -5.23 -11.08
H14 B0A B . -6.72 -6.91 -14.38
H15 B0A B . -7.52 -6.71 -12.79
H16 B0A B . -4.83 -8.05 -13.32
H17 B0A B . -6.30 -8.88 -12.92
H18 B0A B . -3.72 -6.46 -11.42
H19 B0A B . -4.60 -6.31 -9.88
S SO4 C . 12.90 7.10 -13.46
O1 SO4 C . 14.16 6.88 -14.19
O2 SO4 C . 11.82 6.36 -14.14
O3 SO4 C . 13.02 6.64 -12.08
O4 SO4 C . 12.63 8.52 -13.55
S SO4 D . 12.72 0.61 -17.94
O1 SO4 D . 13.24 1.29 -19.13
O2 SO4 D . 11.68 -0.34 -18.35
O3 SO4 D . 13.77 -0.16 -17.27
O4 SO4 D . 12.12 1.59 -17.07
S SO4 E . -2.81 -1.81 -14.10
O1 SO4 E . -1.78 -1.28 -13.22
O2 SO4 E . -2.40 -1.84 -15.47
O3 SO4 E . -3.19 -3.17 -13.61
O4 SO4 E . -3.98 -0.93 -13.96
S SO4 F . 6.09 19.92 6.57
O1 SO4 F . 7.02 18.92 6.04
O2 SO4 F . 5.86 20.93 5.54
O3 SO4 F . 4.84 19.25 6.91
O4 SO4 F . 6.66 20.55 7.75
S SO4 G . 12.34 12.76 7.21
O1 SO4 G . 13.31 11.71 7.48
O2 SO4 G . 13.04 14.05 7.09
O3 SO4 G . 11.62 12.52 5.97
O4 SO4 G . 11.39 12.84 8.31
S DMS H . -20.17 8.56 -2.93
O DMS H . -19.60 9.92 -3.22
C1 DMS H . -21.56 8.32 -4.06
C2 DMS H . -21.03 8.64 -1.33
H11 DMS H . -22.11 7.45 -3.76
H12 DMS H . -22.19 9.16 -4.03
H13 DMS H . -21.19 8.18 -5.04
H21 DMS H . -21.87 9.28 -1.41
H22 DMS H . -20.36 9.01 -0.59
H23 DMS H . -21.35 7.67 -1.05
S DMS I . 0.14 20.73 -9.82
O DMS I . 0.88 20.57 -8.53
C1 DMS I . -1.31 19.66 -9.91
C2 DMS I . 1.13 20.11 -11.20
H11 DMS I . -1.16 18.93 -10.66
H12 DMS I . -2.16 20.23 -10.14
H13 DMS I . -1.44 19.16 -8.98
H21 DMS I . 1.09 19.06 -11.20
H22 DMS I . 0.74 20.49 -12.11
H23 DMS I . 2.14 20.42 -11.08
S DMS J . -2.12 13.59 -13.82
O DMS J . -2.24 13.03 -12.44
C1 DMS J . -3.40 12.90 -14.91
C2 DMS J . -0.64 12.89 -14.60
H11 DMS J . -3.19 13.17 -15.91
H12 DMS J . -4.34 13.28 -14.63
H13 DMS J . -3.41 11.84 -14.81
H21 DMS J . -0.61 13.18 -15.63
H22 DMS J . -0.67 11.84 -14.54
H23 DMS J . 0.22 13.25 -14.11
S DMS K . -1.17 -10.07 -10.93
O DMS K . -1.96 -11.09 -10.15
C1 DMS K . -1.64 -8.42 -10.35
C2 DMS K . -1.82 -9.99 -12.62
H11 DMS K . -0.96 -7.71 -10.72
H12 DMS K . -2.61 -8.19 -10.69
H13 DMS K . -1.62 -8.40 -9.29
H21 DMS K . -1.72 -9.02 -12.99
H22 DMS K . -2.84 -10.28 -12.62
H23 DMS K . -1.28 -10.66 -13.24
S DMS L . 18.83 1.90 -12.11
O DMS L . 18.05 1.64 -10.86
C1 DMS L . 18.38 3.48 -12.87
C2 DMS L . 18.30 0.77 -13.42
H11 DMS L . 17.60 3.32 -13.56
H12 DMS L . 19.22 3.89 -13.36
H13 DMS L . 18.06 4.15 -12.11
H21 DMS L . 17.24 0.80 -13.50
H22 DMS L . 18.73 1.07 -14.34
H23 DMS L . 18.60 -0.21 -13.20
S DMS M . 13.10 19.16 6.71
O DMS M . 12.78 19.18 5.26
C1 DMS M . 14.88 18.98 6.97
C2 DMS M . 12.55 17.64 7.52
H11 DMS M . 15.19 18.02 6.61
H12 DMS M . 15.39 19.73 6.43
H13 DMS M . 15.11 19.07 8.00
H21 DMS M . 13.20 16.85 7.27
H22 DMS M . 12.54 17.78 8.58
H23 DMS M . 11.56 17.41 7.20
S DMS N . 23.57 12.95 -1.11
O DMS N . 22.35 13.70 -0.71
C1 DMS N . 23.08 11.34 -1.81
C2 DMS N . 24.46 12.37 0.36
H11 DMS N . 22.66 10.74 -1.04
H12 DMS N . 22.36 11.49 -2.58
H13 DMS N . 23.93 10.86 -2.21
H21 DMS N . 23.85 11.69 0.89
H22 DMS N . 25.35 11.88 0.07
H23 DMS N . 24.68 13.19 0.98
S DMS O . -3.09 21.69 -0.09
O DMS O . -2.57 22.15 1.24
C1 DMS O . -3.53 23.12 -1.10
C2 DMS O . -4.73 20.94 0.14
H11 DMS O . -4.35 23.63 -0.66
H12 DMS O . -3.80 22.81 -2.07
H13 DMS O . -2.70 23.78 -1.17
H21 DMS O . -5.25 20.95 -0.78
H22 DMS O . -5.27 21.48 0.87
H23 DMS O . -4.62 19.93 0.46
S DMS P . 13.42 19.14 -6.63
O DMS P . 12.93 17.75 -6.81
C1 DMS P . 14.28 19.28 -5.03
C2 DMS P . 12.00 20.24 -6.40
H11 DMS P . 15.28 19.61 -5.21
H12 DMS P . 14.29 18.34 -4.55
H13 DMS P . 13.79 19.98 -4.42
H21 DMS P . 11.60 20.50 -7.35
H22 DMS P . 12.30 21.12 -5.89
H23 DMS P . 11.25 19.74 -5.83
#